data_9IAC
#
_entry.id   9IAC
#
_cell.length_a   77.858
_cell.length_b   77.872
_cell.length_c   110.453
_cell.angle_alpha   90.000
_cell.angle_beta   90.000
_cell.angle_gamma   90.000
#
_symmetry.space_group_name_H-M   'P 21 21 21'
#
loop_
_entity.id
_entity.type
_entity.pdbx_description
1 polymer 'Similar to tr|Q3MCC8|Q3MCC8_ANAVT Hypothetical protein'
2 non-polymer 'IRON/SULFUR CLUSTER'
3 non-polymer 'MAGNESIUM ION'
4 non-polymer 1,2-ETHANEDIOL
5 water water
#
_entity_poly.entity_id   1
_entity_poly.type   'polypeptide(L)'
_entity_poly.pdbx_seq_one_letter_code
;SASCQSPKKPWYPPMSYSLWRSLKPAIGYENWHCQTKRGFEKARNKEPEVQRLLSEDNQPQKIGKLAQRGVFEFHQELVR
LSGSHGVEQVAEILQLNQESPEIQARVLVILNNYYQQPILLNKEIINLSRGDEGYPEPIVIEQGNYKFNLSAAFDCIFRE
ADDTIHILDLKTGQSNFDRRQAHVYLLAASYRYPQEKIVASFYNLETQTSSEKISLSSEAIEAVKIELASLAKKHQQQLQ
KYKDHPKDFYHIFPPQSGYVCRYCPFTSICDYANKEV
;
_entity_poly.pdbx_strand_id   A,B
#
loop_
_chem_comp.id
_chem_comp.type
_chem_comp.name
_chem_comp.formula
EDO non-polymer 1,2-ETHANEDIOL 'C2 H6 O2'
MG non-polymer 'MAGNESIUM ION' 'Mg 2'
SF4 non-polymer 'IRON/SULFUR CLUSTER' 'Fe4 S4'
#
# COMPACT_ATOMS: atom_id res chain seq x y z
N LYS A 9 -18.73 -10.06 -15.77
CA LYS A 9 -18.59 -9.45 -14.45
C LYS A 9 -19.94 -9.04 -13.86
N PRO A 10 -20.78 -10.01 -13.51
CA PRO A 10 -22.07 -9.70 -12.88
C PRO A 10 -21.89 -9.29 -11.42
N TRP A 11 -22.34 -8.09 -11.08
CA TRP A 11 -22.15 -7.55 -9.74
C TRP A 11 -23.25 -8.03 -8.80
N TYR A 12 -22.87 -8.51 -7.63
CA TYR A 12 -23.79 -8.93 -6.60
C TYR A 12 -23.34 -8.34 -5.25
N PRO A 13 -24.28 -8.10 -4.34
CA PRO A 13 -23.92 -7.49 -3.04
C PRO A 13 -22.93 -8.33 -2.28
N PRO A 14 -21.94 -7.72 -1.63
CA PRO A 14 -20.89 -8.48 -0.97
C PRO A 14 -21.29 -8.95 0.42
N MET A 15 -20.63 -10.01 0.86
CA MET A 15 -20.75 -10.46 2.25
C MET A 15 -19.48 -11.22 2.63
N SER A 16 -19.13 -11.11 3.92
CA SER A 16 -17.94 -11.75 4.47
C SER A 16 -18.13 -11.85 5.97
N TYR A 17 -17.31 -12.68 6.61
CA TYR A 17 -17.31 -12.69 8.07
C TYR A 17 -16.91 -11.32 8.61
N SER A 18 -15.99 -10.65 7.92
CA SER A 18 -15.61 -9.30 8.31
C SER A 18 -16.80 -8.35 8.24
N LEU A 19 -17.60 -8.46 7.17
CA LEU A 19 -18.77 -7.60 7.03
C LEU A 19 -19.83 -7.94 8.07
N TRP A 20 -20.10 -9.24 8.25
CA TRP A 20 -21.05 -9.70 9.27
C TRP A 20 -20.66 -9.16 10.65
N ARG A 21 -19.37 -9.28 11.00
CA ARG A 21 -18.88 -8.73 12.26
C ARG A 21 -19.05 -7.22 12.30
N SER A 22 -18.77 -6.52 11.20
CA SER A 22 -18.93 -5.08 11.13
C SER A 22 -20.39 -4.66 11.31
N LEU A 23 -21.34 -5.53 10.99
CA LEU A 23 -22.76 -5.19 11.01
C LEU A 23 -23.49 -5.62 12.27
N LYS A 24 -23.18 -6.80 12.80
CA LYS A 24 -23.77 -7.25 14.05
C LYS A 24 -22.67 -7.52 15.05
N PRO A 25 -22.72 -6.93 16.25
CA PRO A 25 -21.78 -7.32 17.30
C PRO A 25 -22.08 -8.75 17.73
N ALA A 26 -21.01 -9.47 18.05
CA ALA A 26 -21.18 -10.79 18.64
C ALA A 26 -21.83 -10.64 20.01
N ILE A 27 -22.71 -11.57 20.36
CA ILE A 27 -23.37 -11.54 21.67
C ILE A 27 -22.30 -11.52 22.75
N GLY A 28 -22.35 -10.53 23.63
CA GLY A 28 -21.37 -10.36 24.68
C GLY A 28 -20.33 -9.30 24.40
N TYR A 29 -20.29 -8.74 23.20
CA TYR A 29 -19.36 -7.69 22.84
C TYR A 29 -20.08 -6.45 22.30
N GLU A 30 -21.36 -6.28 22.67
CA GLU A 30 -22.19 -5.24 22.08
C GLU A 30 -21.64 -3.84 22.35
N ASN A 31 -21.02 -3.63 23.51
CA ASN A 31 -20.54 -2.31 23.86
C ASN A 31 -19.23 -1.95 23.18
N TRP A 32 -18.61 -2.90 22.48
CA TRP A 32 -17.38 -2.66 21.75
C TRP A 32 -17.63 -2.74 20.25
N HIS A 33 -18.73 -2.16 19.79
CA HIS A 33 -19.13 -2.23 18.39
C HIS A 33 -19.59 -0.85 17.96
N CYS A 34 -18.86 -0.24 17.03
CA CYS A 34 -19.17 1.12 16.56
C CYS A 34 -19.48 1.08 15.07
N GLN A 35 -20.73 1.39 14.72
CA GLN A 35 -21.16 1.38 13.33
C GLN A 35 -20.36 2.38 12.48
N THR A 36 -19.90 3.47 13.07
CA THR A 36 -19.09 4.43 12.34
C THR A 36 -17.78 3.82 11.88
N LYS A 37 -17.27 2.84 12.62
CA LYS A 37 -16.08 2.15 12.16
C LYS A 37 -16.36 1.40 10.85
N ARG A 38 -17.53 0.77 10.76
CA ARG A 38 -17.94 0.16 9.48
C ARG A 38 -18.14 1.23 8.41
N GLY A 39 -18.64 2.40 8.79
CA GLY A 39 -18.80 3.49 7.85
C GLY A 39 -17.50 4.09 7.37
N PHE A 40 -16.41 3.84 8.09
CA PHE A 40 -15.09 4.18 7.58
C PHE A 40 -14.47 3.06 6.75
N GLU A 41 -14.66 1.80 7.19
CA GLU A 41 -14.05 0.68 6.49
C GLU A 41 -14.70 0.47 5.13
N LYS A 42 -16.03 0.50 5.10
CA LYS A 42 -16.77 0.68 3.86
C LYS A 42 -17.22 2.14 3.79
N ALA A 43 -17.63 2.56 2.59
CA ALA A 43 -18.36 3.80 2.34
C ALA A 43 -17.55 5.08 2.47
N ARG A 44 -16.35 5.01 3.03
CA ARG A 44 -15.44 6.15 3.08
C ARG A 44 -14.00 5.70 2.91
N ASN A 45 -13.79 4.40 2.68
CA ASN A 45 -12.47 3.82 2.51
C ASN A 45 -11.69 4.48 1.38
N LYS A 46 -12.36 4.94 0.34
CA LYS A 46 -11.69 5.49 -0.83
C LYS A 46 -11.32 6.96 -0.65
N GLU A 47 -11.52 7.52 0.54
CA GLU A 47 -10.91 8.80 0.86
C GLU A 47 -9.46 8.57 1.29
N PRO A 48 -8.53 9.46 0.91
CA PRO A 48 -7.10 9.18 1.14
C PRO A 48 -6.73 8.93 2.59
N GLU A 49 -7.31 9.69 3.53
CA GLU A 49 -6.99 9.49 4.94
C GLU A 49 -7.40 8.09 5.41
N VAL A 50 -8.63 7.69 5.07
CA VAL A 50 -9.12 6.38 5.51
C VAL A 50 -8.30 5.26 4.90
N GLN A 51 -7.94 5.40 3.61
CA GLN A 51 -7.15 4.36 2.96
C GLN A 51 -5.76 4.26 3.57
N ARG A 52 -5.17 5.39 3.96
CA ARG A 52 -3.86 5.35 4.61
C ARG A 52 -3.96 4.66 5.97
N LEU A 53 -4.93 5.07 6.79
CA LEU A 53 -5.09 4.44 8.10
C LEU A 53 -5.46 2.96 8.01
N LEU A 54 -6.02 2.53 6.88
CA LEU A 54 -6.39 1.13 6.65
C LEU A 54 -5.27 0.34 6.00
N SER A 55 -4.17 0.98 5.60
CA SER A 55 -3.05 0.26 5.01
C SER A 55 -2.15 -0.35 6.08
N GLU A 56 -2.04 0.31 7.23
CA GLU A 56 -1.13 -0.10 8.28
C GLU A 56 -1.78 -1.22 9.10
N ASP A 57 -1.18 -2.40 9.08
CA ASP A 57 -1.63 -3.50 9.92
C ASP A 57 -1.05 -3.34 11.32
N ASN A 58 -1.86 -3.63 12.33
CA ASN A 58 -1.36 -3.60 13.69
C ASN A 58 -0.47 -4.82 13.94
N GLN A 59 0.21 -4.80 15.10
CA GLN A 59 1.02 -5.95 15.50
C GLN A 59 0.21 -7.23 15.60
N PRO A 60 -1.00 -7.25 16.18
CA PRO A 60 -1.79 -8.49 16.17
C PRO A 60 -2.05 -9.06 14.77
N GLN A 61 -2.10 -8.22 13.74
CA GLN A 61 -2.30 -8.72 12.39
C GLN A 61 -1.02 -9.32 11.82
N LYS A 62 0.10 -8.59 11.95
CA LYS A 62 1.35 -9.07 11.38
C LYS A 62 1.82 -10.33 12.07
N ILE A 63 1.54 -10.47 13.37
CA ILE A 63 1.87 -11.70 14.09
C ILE A 63 1.17 -12.89 13.44
N GLY A 64 -0.15 -12.77 13.21
CA GLY A 64 -0.90 -13.87 12.63
C GLY A 64 -0.49 -14.18 11.22
N LYS A 65 -0.23 -13.14 10.41
CA LYS A 65 0.16 -13.38 9.03
C LYS A 65 1.53 -14.06 8.94
N LEU A 66 2.46 -13.62 9.79
CA LEU A 66 3.77 -14.28 9.87
C LEU A 66 3.62 -15.73 10.31
N ALA A 67 2.70 -16.00 11.24
CA ALA A 67 2.50 -17.38 11.68
C ALA A 67 1.92 -18.25 10.57
N GLN A 68 0.99 -17.70 9.77
CA GLN A 68 0.46 -18.46 8.65
C GLN A 68 1.56 -18.81 7.66
N ARG A 69 2.39 -17.82 7.31
CA ARG A 69 3.53 -18.12 6.47
C ARG A 69 4.47 -19.11 7.15
N GLY A 70 4.54 -19.08 8.48
CA GLY A 70 5.36 -20.01 9.22
C GLY A 70 4.97 -21.46 9.05
N VAL A 71 3.68 -21.76 9.24
CA VAL A 71 3.23 -23.14 9.03
C VAL A 71 3.39 -23.52 7.56
N PHE A 72 3.12 -22.57 6.66
CA PHE A 72 3.27 -22.84 5.23
C PHE A 72 4.71 -23.24 4.91
N GLU A 73 5.68 -22.51 5.45
CA GLU A 73 7.09 -22.80 5.21
C GLU A 73 7.50 -24.13 5.85
N PHE A 74 7.08 -24.35 7.10
CA PHE A 74 7.38 -25.60 7.77
C PHE A 74 6.91 -26.79 6.95
N HIS A 75 5.86 -26.60 6.15
CA HIS A 75 5.37 -27.69 5.32
C HIS A 75 5.86 -27.64 3.87
N GLN A 76 6.53 -26.56 3.44
CA GLN A 76 7.12 -26.57 2.10
C GLN A 76 8.36 -27.44 2.04
N GLU A 77 9.24 -27.32 3.03
CA GLU A 77 10.42 -28.18 3.15
C GLU A 77 10.27 -28.91 4.48
N LEU A 78 9.75 -30.14 4.43
CA LEU A 78 9.40 -30.86 5.65
C LEU A 78 10.61 -31.10 6.53
N VAL A 79 11.82 -31.00 5.97
CA VAL A 79 13.03 -31.16 6.78
C VAL A 79 13.01 -30.19 7.96
N ARG A 80 12.34 -29.05 7.80
CA ARG A 80 12.32 -28.01 8.82
C ARG A 80 11.53 -28.42 10.05
N LEU A 81 10.85 -29.57 10.01
CA LEU A 81 10.32 -30.19 11.22
C LEU A 81 11.09 -31.42 11.66
N SER A 82 11.78 -32.10 10.73
CA SER A 82 12.56 -33.29 11.06
C SER A 82 13.99 -32.96 11.47
N GLY A 83 14.55 -31.85 10.96
CA GLY A 83 15.87 -31.41 11.36
C GLY A 83 15.84 -30.62 12.65
N SER A 84 17.03 -30.21 13.09
CA SER A 84 17.21 -29.55 14.38
C SER A 84 17.28 -28.03 14.27
N HIS A 85 17.21 -27.47 13.06
CA HIS A 85 17.38 -26.04 12.87
C HIS A 85 16.19 -25.37 12.21
N GLY A 86 15.12 -26.13 11.94
CA GLY A 86 13.92 -25.67 11.26
C GLY A 86 13.35 -24.34 11.70
N VAL A 87 13.08 -24.18 12.99
CA VAL A 87 12.52 -22.93 13.51
C VAL A 87 13.39 -21.75 13.11
N GLU A 88 14.72 -21.92 13.21
CA GLU A 88 15.63 -20.82 12.90
C GLU A 88 15.57 -20.44 11.42
N GLN A 89 15.63 -21.43 10.53
CA GLN A 89 15.63 -21.11 9.10
C GLN A 89 14.27 -20.59 8.64
N VAL A 90 13.18 -21.09 9.24
CA VAL A 90 11.86 -20.54 8.95
C VAL A 90 11.78 -19.09 9.39
N ALA A 91 12.31 -18.79 10.59
CA ALA A 91 12.42 -17.40 11.00
C ALA A 91 13.21 -16.57 10.00
N GLU A 92 14.18 -17.20 9.33
CA GLU A 92 14.92 -16.48 8.28
C GLU A 92 14.06 -16.27 7.03
N ILE A 93 13.27 -17.27 6.64
CA ILE A 93 12.35 -17.10 5.52
C ILE A 93 11.32 -16.03 5.85
N LEU A 94 10.87 -15.98 7.10
CA LEU A 94 9.94 -14.96 7.56
C LEU A 94 10.60 -13.60 7.69
N GLN A 95 11.91 -13.51 7.42
CA GLN A 95 12.68 -12.29 7.60
C GLN A 95 12.38 -11.66 8.95
N LEU A 96 12.17 -12.51 9.96
CA LEU A 96 11.80 -12.02 11.29
C LEU A 96 12.85 -11.10 11.89
N ASN A 97 14.08 -11.16 11.39
CA ASN A 97 15.11 -10.22 11.83
C ASN A 97 14.79 -8.78 11.44
N GLN A 98 13.83 -8.57 10.54
CA GLN A 98 13.46 -7.23 10.13
C GLN A 98 12.28 -6.66 10.92
N GLU A 99 11.62 -7.47 11.75
CA GLU A 99 10.48 -7.00 12.51
C GLU A 99 10.94 -6.42 13.85
N SER A 100 10.00 -5.87 14.61
CA SER A 100 10.28 -5.30 15.92
C SER A 100 10.55 -6.41 16.94
N PRO A 101 11.16 -6.09 18.08
CA PRO A 101 11.49 -7.16 19.05
C PRO A 101 10.29 -7.95 19.54
N GLU A 102 9.20 -7.29 19.95
CA GLU A 102 8.07 -8.01 20.49
C GLU A 102 7.45 -8.93 19.46
N ILE A 103 7.37 -8.48 18.20
CA ILE A 103 6.95 -9.35 17.11
C ILE A 103 7.82 -10.59 17.07
N GLN A 104 9.14 -10.40 17.13
CA GLN A 104 10.06 -11.52 17.07
C GLN A 104 9.80 -12.51 18.21
N ALA A 105 9.62 -12.00 19.42
CA ALA A 105 9.43 -12.89 20.57
C ALA A 105 8.15 -13.70 20.42
N ARG A 106 7.04 -13.02 20.12
CA ARG A 106 5.77 -13.72 19.95
C ARG A 106 5.85 -14.75 18.83
N VAL A 107 6.44 -14.36 17.70
CA VAL A 107 6.54 -15.27 16.57
C VAL A 107 7.38 -16.48 16.93
N LEU A 108 8.54 -16.27 17.56
CA LEU A 108 9.40 -17.38 17.93
C LEU A 108 8.68 -18.34 18.87
N VAL A 109 7.90 -17.80 19.81
CA VAL A 109 7.07 -18.66 20.66
C VAL A 109 6.19 -19.54 19.79
N ILE A 110 5.53 -18.95 18.79
CA ILE A 110 4.58 -19.69 17.96
C ILE A 110 5.30 -20.70 17.06
N LEU A 111 6.42 -20.29 16.48
CA LEU A 111 7.18 -21.18 15.59
C LEU A 111 7.69 -22.39 16.36
N ASN A 112 8.23 -22.16 17.56
CA ASN A 112 8.63 -23.28 18.40
C ASN A 112 7.43 -24.12 18.81
N ASN A 113 6.29 -23.48 19.03
CA ASN A 113 5.09 -24.24 19.37
C ASN A 113 4.71 -25.18 18.24
N TYR A 114 4.84 -24.75 16.99
CA TYR A 114 4.50 -25.66 15.89
C TYR A 114 5.58 -26.70 15.66
N TYR A 115 6.85 -26.36 15.91
CA TYR A 115 7.91 -27.35 15.81
C TYR A 115 7.77 -28.44 16.87
N GLN A 116 7.32 -28.06 18.08
CA GLN A 116 7.09 -29.04 19.13
C GLN A 116 5.92 -29.95 18.80
N GLN A 117 4.91 -29.41 18.12
CA GLN A 117 3.73 -30.19 17.74
C GLN A 117 3.18 -29.64 16.43
N PRO A 118 3.63 -30.17 15.28
CA PRO A 118 3.02 -29.77 14.01
C PRO A 118 1.67 -30.44 13.81
N ILE A 119 0.59 -29.67 13.97
CA ILE A 119 -0.74 -30.26 14.04
C ILE A 119 -1.18 -30.83 12.70
N LEU A 120 -0.70 -30.27 11.58
CA LEU A 120 -1.11 -30.69 10.25
C LEU A 120 -0.21 -31.76 9.65
N LEU A 121 0.89 -32.12 10.31
CA LEU A 121 1.78 -33.15 9.77
C LEU A 121 1.06 -34.50 9.69
N ASN A 122 0.28 -34.83 10.72
CA ASN A 122 -0.49 -36.07 10.75
C ASN A 122 -1.66 -36.08 9.77
N LYS A 123 -2.00 -34.93 9.19
CA LYS A 123 -3.22 -34.79 8.40
C LYS A 123 -2.92 -34.75 6.91
N GLU A 124 -3.90 -35.20 6.11
CA GLU A 124 -3.83 -35.13 4.65
C GLU A 124 -4.26 -33.74 4.21
N ILE A 125 -3.29 -32.89 3.91
CA ILE A 125 -3.56 -31.48 3.65
C ILE A 125 -4.07 -31.31 2.23
N ILE A 126 -5.27 -30.75 2.09
CA ILE A 126 -5.80 -30.42 0.78
C ILE A 126 -5.24 -29.08 0.29
N ASN A 127 -5.19 -28.09 1.17
CA ASN A 127 -4.56 -26.82 0.84
C ASN A 127 -4.10 -26.11 2.11
N LEU A 128 -2.90 -25.54 2.05
CA LEU A 128 -2.37 -24.71 3.13
C LEU A 128 -1.95 -23.38 2.53
N SER A 129 -2.63 -22.31 2.94
CA SER A 129 -2.39 -21.01 2.35
C SER A 129 -1.23 -20.30 3.03
N ARG A 130 -0.60 -19.42 2.28
CA ARG A 130 0.55 -18.62 2.69
C ARG A 130 0.16 -17.38 3.49
N GLY A 131 -1.12 -17.07 3.55
CA GLY A 131 -1.60 -15.89 4.25
C GLY A 131 -1.55 -14.61 3.47
N ASP A 132 -0.98 -14.63 2.25
CA ASP A 132 -0.84 -13.43 1.45
C ASP A 132 -1.58 -13.54 0.11
N GLU A 133 -2.58 -14.41 0.03
CA GLU A 133 -3.29 -14.66 -1.22
C GLU A 133 -4.55 -13.82 -1.38
N GLY A 134 -5.00 -13.14 -0.34
CA GLY A 134 -6.22 -12.37 -0.40
C GLY A 134 -7.46 -13.25 -0.52
N TYR A 135 -8.60 -12.58 -0.72
CA TYR A 135 -9.87 -13.27 -0.82
C TYR A 135 -9.94 -14.07 -2.13
N PRO A 136 -10.45 -15.29 -2.09
CA PRO A 136 -10.68 -16.04 -3.35
C PRO A 136 -11.83 -15.44 -4.14
N GLU A 137 -12.18 -16.05 -5.25
CA GLU A 137 -13.31 -15.55 -6.03
C GLU A 137 -14.60 -15.78 -5.24
N PRO A 138 -15.52 -14.82 -5.24
CA PRO A 138 -16.73 -14.96 -4.43
C PRO A 138 -17.65 -16.04 -5.00
N ILE A 139 -18.35 -16.73 -4.10
CA ILE A 139 -19.37 -17.67 -4.52
C ILE A 139 -20.73 -16.97 -4.49
N VAL A 140 -21.53 -17.16 -5.53
CA VAL A 140 -22.85 -16.56 -5.58
C VAL A 140 -23.81 -17.42 -4.78
N ILE A 141 -24.46 -16.82 -3.78
CA ILE A 141 -25.40 -17.51 -2.92
C ILE A 141 -26.80 -17.04 -3.27
N GLU A 142 -27.73 -17.99 -3.40
CA GLU A 142 -29.10 -17.71 -3.80
C GLU A 142 -30.04 -18.02 -2.64
N GLN A 143 -30.63 -16.98 -2.05
CA GLN A 143 -31.70 -17.13 -1.08
C GLN A 143 -32.93 -16.41 -1.61
N GLY A 144 -34.03 -17.14 -1.73
CA GLY A 144 -35.18 -16.59 -2.44
C GLY A 144 -34.77 -16.29 -3.87
N ASN A 145 -35.01 -15.05 -4.30
CA ASN A 145 -34.49 -14.56 -5.57
C ASN A 145 -33.30 -13.62 -5.37
N TYR A 146 -32.90 -13.38 -4.13
CA TYR A 146 -31.74 -12.55 -3.83
C TYR A 146 -30.47 -13.38 -3.98
N LYS A 147 -29.45 -12.78 -4.60
CA LYS A 147 -28.17 -13.44 -4.78
C LYS A 147 -27.07 -12.50 -4.30
N PHE A 148 -26.13 -13.04 -3.53
CA PHE A 148 -25.04 -12.22 -3.01
C PHE A 148 -23.72 -12.96 -3.09
N ASN A 149 -22.63 -12.21 -3.21
CA ASN A 149 -21.30 -12.77 -3.36
C ASN A 149 -20.67 -12.95 -1.98
N LEU A 150 -20.51 -14.20 -1.56
CA LEU A 150 -19.83 -14.53 -0.33
C LEU A 150 -18.33 -14.65 -0.59
N SER A 151 -17.54 -13.97 0.23
CA SER A 151 -16.08 -14.04 0.19
C SER A 151 -15.58 -14.69 1.46
N ALA A 152 -14.76 -15.72 1.32
CA ALA A 152 -14.21 -16.44 2.46
C ALA A 152 -12.86 -17.04 2.08
N ALA A 153 -11.88 -16.88 2.96
CA ALA A 153 -10.55 -17.43 2.78
C ALA A 153 -10.30 -18.51 3.82
N PHE A 154 -9.94 -19.71 3.37
CA PHE A 154 -9.65 -20.82 4.26
C PHE A 154 -8.17 -20.84 4.58
N ASP A 155 -7.82 -20.71 5.86
CA ASP A 155 -6.42 -20.79 6.25
C ASP A 155 -5.86 -22.18 5.99
N CYS A 156 -6.66 -23.22 6.23
CA CYS A 156 -6.21 -24.56 5.87
C CYS A 156 -7.41 -25.45 5.62
N ILE A 157 -7.25 -26.35 4.66
CA ILE A 157 -8.22 -27.39 4.35
C ILE A 157 -7.49 -28.73 4.37
N PHE A 158 -7.98 -29.68 5.17
CA PHE A 158 -7.47 -31.04 5.12
C PHE A 158 -8.63 -32.03 5.10
N ARG A 159 -8.31 -33.30 4.85
CA ARG A 159 -9.28 -34.37 4.78
C ARG A 159 -9.00 -35.37 5.90
N GLU A 160 -10.00 -35.59 6.76
CA GLU A 160 -9.85 -36.58 7.81
C GLU A 160 -9.91 -37.99 7.20
N ALA A 161 -9.56 -38.98 8.03
CA ALA A 161 -9.53 -40.36 7.56
C ALA A 161 -10.91 -40.81 7.08
N ASP A 162 -11.97 -40.35 7.76
CA ASP A 162 -13.35 -40.67 7.41
C ASP A 162 -13.83 -39.98 6.13
N ASP A 163 -12.94 -39.31 5.42
CA ASP A 163 -13.27 -38.54 4.21
C ASP A 163 -14.18 -37.34 4.52
N THR A 164 -14.02 -36.76 5.71
CA THR A 164 -14.69 -35.52 6.06
C THR A 164 -13.77 -34.35 5.74
N ILE A 165 -14.33 -33.31 5.13
CA ILE A 165 -13.58 -32.11 4.82
C ILE A 165 -13.50 -31.26 6.08
N HIS A 166 -12.28 -30.95 6.53
CA HIS A 166 -12.04 -30.18 7.74
C HIS A 166 -11.44 -28.84 7.36
N ILE A 167 -12.17 -27.76 7.66
CA ILE A 167 -11.68 -26.41 7.49
C ILE A 167 -11.09 -25.97 8.83
N LEU A 168 -9.83 -25.56 8.81
CA LEU A 168 -9.13 -25.11 10.02
C LEU A 168 -8.73 -23.66 9.82
N ASP A 169 -9.15 -22.81 10.74
CA ASP A 169 -8.71 -21.42 10.78
C ASP A 169 -7.63 -21.29 11.84
N LEU A 170 -6.53 -20.65 11.48
CA LEU A 170 -5.37 -20.55 12.34
C LEU A 170 -5.33 -19.15 12.97
N LYS A 171 -5.33 -19.11 14.30
CA LYS A 171 -5.42 -17.87 15.03
C LYS A 171 -4.22 -17.70 15.94
N THR A 172 -4.05 -16.47 16.44
CA THR A 172 -2.99 -16.13 17.38
C THR A 172 -3.54 -15.15 18.40
N GLY A 173 -2.73 -14.84 19.40
CA GLY A 173 -3.10 -13.87 20.41
C GLY A 173 -4.25 -14.35 21.30
N GLN A 174 -4.88 -13.37 21.95
CA GLN A 174 -6.01 -13.62 22.83
C GLN A 174 -7.31 -13.82 22.07
N SER A 175 -7.29 -13.64 20.75
CA SER A 175 -8.48 -13.72 19.92
C SER A 175 -9.34 -14.92 20.26
N ASN A 176 -10.61 -14.68 20.59
CA ASN A 176 -11.55 -15.75 20.86
C ASN A 176 -12.03 -16.32 19.52
N PHE A 177 -12.96 -17.27 19.56
CA PHE A 177 -13.45 -17.94 18.37
C PHE A 177 -14.89 -17.52 18.13
N ASP A 178 -15.13 -16.78 17.05
CA ASP A 178 -16.48 -16.41 16.64
C ASP A 178 -17.00 -17.50 15.71
N ARG A 179 -17.95 -18.29 16.21
CA ARG A 179 -18.50 -19.41 15.44
C ARG A 179 -19.20 -18.96 14.17
N ARG A 180 -19.51 -17.67 14.05
CA ARG A 180 -20.06 -17.15 12.81
C ARG A 180 -19.04 -17.24 11.68
N GLN A 181 -17.75 -17.10 11.99
CA GLN A 181 -16.72 -17.32 10.97
C GLN A 181 -16.75 -18.76 10.48
N ALA A 182 -16.92 -19.71 11.40
CA ALA A 182 -17.04 -21.11 11.03
C ALA A 182 -18.30 -21.36 10.22
N HIS A 183 -19.38 -20.64 10.52
CA HIS A 183 -20.61 -20.76 9.75
C HIS A 183 -20.40 -20.28 8.31
N VAL A 184 -19.72 -19.13 8.15
CA VAL A 184 -19.37 -18.64 6.82
C VAL A 184 -18.55 -19.68 6.07
N TYR A 185 -17.57 -20.27 6.76
CA TYR A 185 -16.67 -21.21 6.12
C TYR A 185 -17.39 -22.50 5.72
N LEU A 186 -18.29 -23.00 6.57
CA LEU A 186 -19.04 -24.20 6.23
C LEU A 186 -19.98 -23.95 5.06
N LEU A 187 -20.64 -22.79 5.05
CA LEU A 187 -21.50 -22.45 3.92
C LEU A 187 -20.69 -22.38 2.63
N ALA A 188 -19.56 -21.67 2.66
CA ALA A 188 -18.73 -21.54 1.47
C ALA A 188 -18.14 -22.89 1.05
N ALA A 189 -17.84 -23.75 2.02
CA ALA A 189 -17.24 -25.04 1.71
C ALA A 189 -18.25 -25.94 1.02
N SER A 190 -19.52 -25.84 1.40
CA SER A 190 -20.54 -26.68 0.78
C SER A 190 -20.60 -26.51 -0.73
N TYR A 191 -20.19 -25.33 -1.24
CA TYR A 191 -20.24 -25.08 -2.68
C TYR A 191 -18.98 -25.55 -3.40
N ARG A 192 -17.96 -25.99 -2.67
CA ARG A 192 -16.75 -26.53 -3.28
C ARG A 192 -16.61 -28.04 -3.11
N TYR A 193 -17.23 -28.60 -2.08
CA TYR A 193 -17.33 -30.06 -1.90
C TYR A 193 -18.77 -30.41 -1.63
N PRO A 194 -19.64 -30.31 -2.64
CA PRO A 194 -21.09 -30.46 -2.40
C PRO A 194 -21.50 -31.81 -1.86
N GLN A 195 -20.77 -32.87 -2.17
CA GLN A 195 -21.16 -34.23 -1.82
C GLN A 195 -20.55 -34.72 -0.52
N GLU A 196 -19.72 -33.91 0.14
CA GLU A 196 -18.93 -34.39 1.26
C GLU A 196 -19.42 -33.79 2.58
N LYS A 197 -19.12 -34.50 3.66
CA LYS A 197 -19.39 -34.00 5.00
C LYS A 197 -18.29 -33.03 5.41
N ILE A 198 -18.68 -31.89 5.97
CA ILE A 198 -17.76 -30.78 6.18
C ILE A 198 -17.85 -30.34 7.64
N VAL A 199 -16.68 -30.13 8.27
CA VAL A 199 -16.60 -29.63 9.63
C VAL A 199 -15.59 -28.50 9.68
N ALA A 200 -15.67 -27.69 10.72
CA ALA A 200 -14.74 -26.58 10.91
C ALA A 200 -14.28 -26.54 12.35
N SER A 201 -13.07 -26.02 12.54
CA SER A 201 -12.51 -25.88 13.88
C SER A 201 -11.53 -24.72 13.88
N PHE A 202 -11.26 -24.21 15.07
CA PHE A 202 -10.24 -23.19 15.28
C PHE A 202 -9.02 -23.80 15.96
N TYR A 203 -7.87 -23.17 15.74
CA TYR A 203 -6.66 -23.54 16.46
C TYR A 203 -5.81 -22.29 16.63
N ASN A 204 -5.53 -21.94 17.88
CA ASN A 204 -4.61 -20.85 18.17
C ASN A 204 -3.19 -21.40 18.20
N LEU A 205 -2.32 -20.85 17.34
CA LEU A 205 -0.94 -21.34 17.28
C LEU A 205 -0.10 -20.83 18.45
N GLU A 206 -0.53 -19.77 19.12
CA GLU A 206 0.21 -19.20 20.23
C GLU A 206 -0.22 -19.75 21.58
N THR A 207 -1.47 -20.18 21.72
CA THR A 207 -1.91 -20.86 22.93
C THR A 207 -1.91 -22.37 22.78
N GLN A 208 -1.68 -22.89 21.57
CA GLN A 208 -1.77 -24.32 21.29
C GLN A 208 -3.09 -24.90 21.77
N THR A 209 -4.15 -24.10 21.60
CA THR A 209 -5.51 -24.47 21.99
C THR A 209 -6.37 -24.61 20.74
N SER A 210 -7.25 -25.61 20.74
CA SER A 210 -8.13 -25.89 19.61
C SER A 210 -9.59 -25.77 20.05
N SER A 211 -10.45 -25.43 19.09
CA SER A 211 -11.88 -25.44 19.33
C SER A 211 -12.44 -26.85 19.11
N GLU A 212 -13.69 -27.04 19.51
CA GLU A 212 -14.39 -28.26 19.17
C GLU A 212 -14.75 -28.24 17.67
N LYS A 213 -15.39 -29.31 17.23
CA LYS A 213 -15.72 -29.45 15.82
C LYS A 213 -17.12 -28.91 15.56
N ILE A 214 -17.23 -28.04 14.56
CA ILE A 214 -18.48 -27.34 14.25
C ILE A 214 -19.00 -27.86 12.91
N SER A 215 -20.25 -28.31 12.92
CA SER A 215 -20.96 -28.70 11.71
C SER A 215 -22.29 -27.98 11.65
N LEU A 216 -22.93 -28.02 10.49
CA LEU A 216 -24.22 -27.35 10.28
C LEU A 216 -25.16 -28.30 9.58
N SER A 217 -26.34 -28.52 10.16
CA SER A 217 -27.41 -29.18 9.45
C SER A 217 -27.92 -28.28 8.33
N SER A 218 -28.72 -28.86 7.44
CA SER A 218 -29.24 -28.09 6.31
C SER A 218 -30.12 -26.94 6.79
N GLU A 219 -30.88 -27.16 7.86
CA GLU A 219 -31.71 -26.09 8.41
C GLU A 219 -30.86 -24.91 8.86
N ALA A 220 -29.78 -25.18 9.58
CA ALA A 220 -28.89 -24.10 10.02
C ALA A 220 -28.22 -23.44 8.84
N ILE A 221 -27.95 -24.18 7.77
CA ILE A 221 -27.34 -23.60 6.58
C ILE A 221 -28.27 -22.56 5.96
N GLU A 222 -29.55 -22.93 5.80
CA GLU A 222 -30.52 -21.99 5.26
C GLU A 222 -30.71 -20.80 6.20
N ALA A 223 -30.64 -21.05 7.52
CA ALA A 223 -30.75 -19.96 8.48
C ALA A 223 -29.61 -18.95 8.30
N VAL A 224 -28.38 -19.46 8.18
CA VAL A 224 -27.23 -18.57 7.98
C VAL A 224 -27.39 -17.82 6.66
N LYS A 225 -27.89 -18.51 5.63
CA LYS A 225 -28.13 -17.85 4.35
C LYS A 225 -29.11 -16.68 4.50
N ILE A 226 -30.20 -16.91 5.23
CA ILE A 226 -31.22 -15.87 5.39
C ILE A 226 -30.63 -14.67 6.12
N GLU A 227 -29.91 -14.91 7.21
CA GLU A 227 -29.34 -13.79 7.96
C GLU A 227 -28.33 -13.01 7.13
N LEU A 228 -27.46 -13.73 6.40
CA LEU A 228 -26.45 -13.07 5.59
C LEU A 228 -27.08 -12.24 4.47
N ALA A 229 -28.16 -12.76 3.87
CA ALA A 229 -28.86 -11.98 2.85
C ALA A 229 -29.47 -10.72 3.44
N SER A 230 -30.07 -10.83 4.63
CA SER A 230 -30.64 -9.66 5.28
C SER A 230 -29.57 -8.60 5.53
N LEU A 231 -28.41 -9.03 6.04
CA LEU A 231 -27.34 -8.08 6.35
C LEU A 231 -26.74 -7.46 5.09
N ALA A 232 -26.64 -8.24 4.01
CA ALA A 232 -26.17 -7.68 2.75
C ALA A 232 -27.11 -6.60 2.24
N LYS A 233 -28.42 -6.86 2.31
CA LYS A 233 -29.39 -5.85 1.90
C LYS A 233 -29.24 -4.59 2.75
N LYS A 234 -29.13 -4.76 4.07
CA LYS A 234 -29.00 -3.61 4.95
C LYS A 234 -27.75 -2.80 4.65
N HIS A 235 -26.63 -3.49 4.40
CA HIS A 235 -25.39 -2.82 4.05
C HIS A 235 -25.56 -1.98 2.79
N GLN A 236 -26.21 -2.57 1.76
CA GLN A 236 -26.43 -1.81 0.53
C GLN A 236 -27.36 -0.63 0.75
N GLN A 237 -28.40 -0.80 1.57
CA GLN A 237 -29.31 0.31 1.85
C GLN A 237 -28.57 1.46 2.52
N GLN A 238 -27.73 1.15 3.52
CA GLN A 238 -27.01 2.20 4.22
C GLN A 238 -26.00 2.90 3.31
N LEU A 239 -25.32 2.14 2.46
CA LEU A 239 -24.42 2.77 1.50
C LEU A 239 -25.17 3.70 0.56
N GLN A 240 -26.35 3.26 0.11
CA GLN A 240 -27.17 4.10 -0.75
C GLN A 240 -27.64 5.36 -0.03
N LYS A 241 -27.99 5.22 1.25
CA LYS A 241 -28.43 6.37 2.03
C LYS A 241 -27.31 7.39 2.17
N TYR A 242 -26.08 6.92 2.44
CA TYR A 242 -24.93 7.82 2.52
C TYR A 242 -24.65 8.47 1.17
N LYS A 243 -24.92 7.76 0.08
CA LYS A 243 -24.80 8.39 -1.23
C LYS A 243 -25.89 9.45 -1.44
N ASP A 244 -27.09 9.19 -0.94
CA ASP A 244 -28.21 10.13 -1.06
C ASP A 244 -28.08 11.29 -0.10
N HIS A 245 -27.45 11.07 1.04
CA HIS A 245 -27.31 12.08 2.10
C HIS A 245 -25.83 12.18 2.46
N PRO A 246 -25.02 12.77 1.56
CA PRO A 246 -23.56 12.71 1.74
C PRO A 246 -23.04 13.43 2.98
N LYS A 247 -23.83 14.32 3.59
CA LYS A 247 -23.40 15.10 4.74
C LYS A 247 -23.83 14.49 6.07
N ASP A 248 -24.55 13.36 6.04
CA ASP A 248 -25.14 12.80 7.25
C ASP A 248 -24.44 11.48 7.61
N PHE A 249 -23.12 11.45 7.48
CA PHE A 249 -22.36 10.22 7.68
C PHE A 249 -22.55 9.67 9.08
N TYR A 250 -22.51 10.53 10.11
CA TYR A 250 -22.61 10.04 11.47
C TYR A 250 -24.04 9.71 11.88
N HIS A 251 -25.04 10.09 11.09
CA HIS A 251 -26.40 9.62 11.31
C HIS A 251 -26.58 8.20 10.78
N ILE A 252 -26.15 7.97 9.53
CA ILE A 252 -26.34 6.68 8.89
C ILE A 252 -25.47 5.61 9.54
N PHE A 253 -24.24 5.97 9.94
CA PHE A 253 -23.37 5.06 10.67
C PHE A 253 -23.16 5.65 12.06
N PRO A 254 -24.10 5.41 12.97
CA PRO A 254 -24.12 6.13 14.25
C PRO A 254 -22.99 5.71 15.17
N PRO A 255 -22.33 6.67 15.82
CA PRO A 255 -21.19 6.36 16.67
C PRO A 255 -21.58 5.86 18.06
N GLN A 256 -20.72 5.00 18.60
CA GLN A 256 -20.74 4.62 20.01
C GLN A 256 -19.35 4.92 20.55
N SER A 257 -19.24 5.99 21.33
CA SER A 257 -17.95 6.54 21.75
C SER A 257 -17.53 6.01 23.10
N GLY A 258 -16.29 6.31 23.47
CA GLY A 258 -15.75 5.89 24.77
C GLY A 258 -14.29 5.48 24.73
N TYR A 259 -13.87 4.70 25.72
CA TYR A 259 -12.47 4.30 25.82
C TYR A 259 -12.06 3.37 24.68
N VAL A 260 -13.00 2.57 24.17
CA VAL A 260 -12.74 1.70 23.03
C VAL A 260 -12.41 2.51 21.78
N CYS A 261 -12.60 3.82 21.82
CA CYS A 261 -12.20 4.67 20.71
C CYS A 261 -10.73 5.03 20.73
N ARG A 262 -9.98 4.56 21.74
CA ARG A 262 -8.53 4.65 21.72
C ARG A 262 -7.91 3.51 20.93
N TYR A 263 -8.72 2.57 20.46
CA TYR A 263 -8.24 1.43 19.70
C TYR A 263 -8.73 1.45 18.26
N CYS A 264 -9.60 2.38 17.91
CA CYS A 264 -10.08 2.48 16.55
C CYS A 264 -8.94 2.89 15.63
N PRO A 265 -8.84 2.30 14.44
CA PRO A 265 -7.87 2.79 13.44
C PRO A 265 -8.17 4.21 12.99
N PHE A 266 -9.34 4.76 13.34
CA PHE A 266 -9.79 6.04 12.82
C PHE A 266 -9.88 7.12 13.89
N THR A 267 -9.31 6.92 15.08
CA THR A 267 -9.43 7.89 16.15
C THR A 267 -8.99 9.28 15.71
N SER A 268 -8.01 9.35 14.82
CA SER A 268 -7.48 10.64 14.36
C SER A 268 -8.47 11.40 13.48
N ILE A 269 -9.46 10.73 12.89
CA ILE A 269 -10.35 11.35 11.92
C ILE A 269 -11.81 11.23 12.31
N CYS A 270 -12.12 10.65 13.47
CA CYS A 270 -13.51 10.48 13.89
C CYS A 270 -13.91 11.63 14.81
N ASP A 271 -14.94 12.37 14.40
CA ASP A 271 -15.39 13.54 15.15
C ASP A 271 -15.98 13.19 16.50
N TYR A 272 -16.38 11.94 16.72
CA TYR A 272 -16.94 11.52 18.00
C TYR A 272 -15.96 10.71 18.82
N ALA A 273 -14.69 10.70 18.44
CA ALA A 273 -13.68 9.96 19.19
C ALA A 273 -13.59 10.49 20.61
N ASN A 274 -13.61 9.58 21.58
CA ASN A 274 -13.37 9.96 22.97
C ASN A 274 -11.87 10.11 23.16
N LYS A 275 -11.44 11.30 23.56
CA LYS A 275 -10.03 11.61 23.71
C LYS A 275 -9.58 11.58 25.16
N GLU A 276 -10.47 11.26 26.08
CA GLU A 276 -10.20 11.25 27.52
C GLU A 276 -8.90 10.52 27.87
N LYS B 8 2.13 15.38 -37.74
CA LYS B 8 1.52 16.41 -36.92
C LYS B 8 1.34 15.88 -35.51
N LYS B 9 2.17 16.39 -34.59
CA LYS B 9 2.13 15.94 -33.21
C LYS B 9 1.28 16.90 -32.40
N PRO B 10 0.10 16.49 -31.93
CA PRO B 10 -0.79 17.42 -31.24
C PRO B 10 -0.26 17.80 -29.86
N TRP B 11 -0.69 18.96 -29.38
CA TRP B 11 -0.38 19.39 -28.03
C TRP B 11 -1.49 18.95 -27.08
N TYR B 12 -1.10 18.53 -25.88
CA TYR B 12 -2.02 18.13 -24.83
C TYR B 12 -1.58 18.72 -23.51
N PRO B 13 -2.51 19.02 -22.61
CA PRO B 13 -2.15 19.63 -21.31
C PRO B 13 -1.20 18.75 -20.53
N PRO B 14 -0.09 19.31 -20.03
CA PRO B 14 0.92 18.51 -19.34
C PRO B 14 0.48 18.07 -17.95
N MET B 15 1.03 16.94 -17.51
CA MET B 15 0.82 16.47 -16.15
C MET B 15 2.01 15.62 -15.72
N SER B 16 2.45 15.82 -14.48
CA SER B 16 3.55 15.07 -13.90
C SER B 16 3.33 14.96 -12.40
N TYR B 17 4.10 14.09 -11.74
CA TYR B 17 4.03 14.03 -10.28
C TYR B 17 4.47 15.35 -9.67
N SER B 18 5.48 15.99 -10.24
CA SER B 18 5.89 17.31 -9.76
C SER B 18 4.74 18.30 -9.86
N LEU B 19 3.98 18.25 -10.97
CA LEU B 19 2.81 19.12 -11.12
C LEU B 19 1.72 18.75 -10.11
N TRP B 20 1.50 17.44 -9.93
CA TRP B 20 0.49 16.98 -8.98
C TRP B 20 0.78 17.49 -7.58
N ARG B 21 2.05 17.41 -7.15
CA ARG B 21 2.41 17.85 -5.81
C ARG B 21 2.43 19.38 -5.71
N SER B 22 2.82 20.08 -6.78
CA SER B 22 2.78 21.54 -6.76
C SER B 22 1.35 22.06 -6.76
N LEU B 23 0.39 21.24 -7.19
CA LEU B 23 -1.02 21.63 -7.20
C LEU B 23 -1.76 21.23 -5.93
N LYS B 24 -1.48 20.06 -5.38
CA LYS B 24 -2.13 19.64 -4.14
C LYS B 24 -1.10 19.10 -3.16
N PRO B 25 -1.21 19.47 -1.89
CA PRO B 25 -0.28 18.95 -0.89
C PRO B 25 -0.60 17.51 -0.52
N ALA B 26 0.45 16.79 -0.14
CA ALA B 26 0.25 15.48 0.45
C ALA B 26 -0.46 15.62 1.79
N ILE B 27 -1.06 14.52 2.25
CA ILE B 27 -1.76 14.54 3.53
C ILE B 27 -0.74 14.66 4.64
N GLY B 28 -0.86 15.70 5.47
CA GLY B 28 0.06 15.95 6.55
C GLY B 28 1.06 17.06 6.28
N TYR B 29 1.13 17.57 5.05
CA TYR B 29 2.05 18.63 4.67
C TYR B 29 1.32 19.86 4.15
N GLU B 30 0.05 20.02 4.56
CA GLU B 30 -0.80 21.09 4.01
C GLU B 30 -0.24 22.47 4.32
N ASN B 31 0.26 22.67 5.55
CA ASN B 31 0.74 23.99 5.94
C ASN B 31 2.02 24.38 5.24
N TRP B 32 2.66 23.45 4.52
CA TRP B 32 3.91 23.73 3.83
C TRP B 32 3.73 23.64 2.32
N HIS B 33 2.67 24.24 1.80
CA HIS B 33 2.34 24.14 0.37
C HIS B 33 1.91 25.52 -0.11
N CYS B 34 2.75 26.16 -0.93
CA CYS B 34 2.47 27.50 -1.45
C CYS B 34 2.19 27.45 -2.95
N GLN B 35 1.00 27.93 -3.35
CA GLN B 35 0.63 27.99 -4.76
C GLN B 35 1.43 29.03 -5.54
N THR B 36 1.90 30.09 -4.87
CA THR B 36 2.77 31.05 -5.55
C THR B 36 4.07 30.40 -6.00
N LYS B 37 4.50 29.34 -5.33
CA LYS B 37 5.69 28.62 -5.78
C LYS B 37 5.43 27.90 -7.09
N ARG B 38 4.27 27.25 -7.23
CA ARG B 38 3.89 26.69 -8.51
C ARG B 38 3.75 27.78 -9.56
N GLY B 39 3.24 28.95 -9.16
CA GLY B 39 3.14 30.04 -10.12
C GLY B 39 4.50 30.47 -10.65
N PHE B 40 5.47 30.59 -9.75
CA PHE B 40 6.84 30.91 -10.17
C PHE B 40 7.43 29.80 -11.02
N GLU B 41 7.15 28.55 -10.67
CA GLU B 41 7.77 27.41 -11.36
C GLU B 41 7.11 27.09 -12.70
N LYS B 42 5.90 27.59 -12.95
CA LYS B 42 5.17 27.21 -14.16
C LYS B 42 4.51 28.36 -14.90
N ALA B 43 4.36 29.55 -14.31
CA ALA B 43 3.73 30.66 -15.02
C ALA B 43 4.64 31.86 -15.20
N ARG B 44 5.69 31.99 -14.37
CA ARG B 44 6.72 32.99 -14.58
C ARG B 44 8.06 32.33 -14.89
N ASN B 45 8.03 31.06 -15.28
CA ASN B 45 9.25 30.30 -15.50
C ASN B 45 10.16 30.94 -16.54
N LYS B 46 9.59 31.43 -17.64
CA LYS B 46 10.38 31.99 -18.71
C LYS B 46 10.78 33.44 -18.46
N GLU B 47 10.75 33.89 -17.20
CA GLU B 47 11.30 35.20 -16.90
C GLU B 47 12.77 35.06 -16.50
N PRO B 48 13.59 36.08 -16.79
CA PRO B 48 15.05 35.93 -16.55
C PRO B 48 15.43 35.54 -15.13
N GLU B 49 14.97 36.28 -14.13
CA GLU B 49 15.37 35.99 -12.76
C GLU B 49 14.83 34.65 -12.28
N VAL B 50 13.60 34.32 -12.68
CA VAL B 50 13.03 33.02 -12.31
C VAL B 50 13.86 31.90 -12.92
N GLN B 51 14.24 32.05 -14.19
CA GLN B 51 15.07 31.05 -14.86
C GLN B 51 16.41 30.92 -14.16
N ARG B 52 17.00 32.03 -13.72
CA ARG B 52 18.28 31.97 -13.02
C ARG B 52 18.14 31.24 -11.68
N LEU B 53 17.20 31.68 -10.84
CA LEU B 53 17.01 31.03 -9.55
C LEU B 53 16.58 29.58 -9.69
N LEU B 54 16.05 29.20 -10.85
CA LEU B 54 15.67 27.82 -11.12
C LEU B 54 16.77 27.03 -11.84
N SER B 55 17.84 27.70 -12.29
CA SER B 55 18.93 26.98 -12.95
C SER B 55 19.83 26.28 -11.92
N GLU B 56 20.13 26.97 -10.82
CA GLU B 56 20.90 26.34 -9.75
C GLU B 56 20.05 25.33 -9.00
N ASP B 57 20.70 24.27 -8.52
CA ASP B 57 20.05 23.23 -7.74
C ASP B 57 20.56 23.28 -6.32
N ASN B 58 19.69 22.93 -5.37
CA ASN B 58 20.13 22.90 -3.98
C ASN B 58 20.98 21.65 -3.72
N GLN B 59 21.56 21.61 -2.53
CA GLN B 59 22.38 20.46 -2.14
C GLN B 59 21.59 19.16 -2.09
N PRO B 60 20.36 19.11 -1.56
CA PRO B 60 19.59 17.85 -1.65
C PRO B 60 19.46 17.31 -3.06
N GLN B 61 19.23 18.20 -4.04
CA GLN B 61 19.07 17.76 -5.41
C GLN B 61 20.37 17.20 -5.98
N LYS B 62 21.50 17.88 -5.73
CA LYS B 62 22.77 17.38 -6.24
C LYS B 62 23.16 16.07 -5.56
N ILE B 63 22.82 15.91 -4.28
CA ILE B 63 23.06 14.64 -3.59
C ILE B 63 22.29 13.53 -4.30
N GLY B 64 21.01 13.77 -4.59
CA GLY B 64 20.21 12.77 -5.30
C GLY B 64 20.77 12.43 -6.67
N LYS B 65 21.16 13.45 -7.44
CA LYS B 65 21.70 13.21 -8.78
C LYS B 65 22.97 12.37 -8.72
N LEU B 66 23.90 12.75 -7.82
CA LEU B 66 25.17 12.04 -7.71
C LEU B 66 24.95 10.61 -7.23
N ALA B 67 24.00 10.40 -6.33
CA ALA B 67 23.69 9.04 -5.89
C ALA B 67 23.16 8.18 -7.04
N GLN B 68 22.27 8.75 -7.85
CA GLN B 68 21.74 8.00 -8.99
C GLN B 68 22.85 7.60 -9.95
N ARG B 69 23.74 8.55 -10.28
CA ARG B 69 24.81 8.20 -11.21
C ARG B 69 25.79 7.23 -10.58
N GLY B 70 25.97 7.29 -9.25
CA GLY B 70 26.81 6.33 -8.57
C GLY B 70 26.30 4.91 -8.69
N VAL B 71 25.00 4.71 -8.47
CA VAL B 71 24.41 3.39 -8.68
C VAL B 71 24.60 2.95 -10.13
N PHE B 72 24.32 3.88 -11.07
CA PHE B 72 24.47 3.57 -12.49
C PHE B 72 25.88 3.09 -12.81
N GLU B 73 26.89 3.78 -12.28
CA GLU B 73 28.27 3.40 -12.56
C GLU B 73 28.62 2.06 -11.90
N PHE B 74 28.20 1.87 -10.64
CA PHE B 74 28.45 0.60 -9.97
C PHE B 74 27.93 -0.58 -10.78
N HIS B 75 26.86 -0.37 -11.54
CA HIS B 75 26.37 -1.47 -12.37
C HIS B 75 26.86 -1.41 -13.82
N GLN B 76 27.50 -0.31 -14.24
CA GLN B 76 28.11 -0.28 -15.56
C GLN B 76 29.24 -1.29 -15.65
N GLU B 77 30.10 -1.32 -14.63
CA GLU B 77 31.23 -2.24 -14.58
C GLU B 77 31.20 -2.91 -13.20
N LEU B 78 30.69 -4.14 -13.16
CA LEU B 78 30.50 -4.85 -11.89
C LEU B 78 31.80 -5.01 -11.11
N VAL B 79 32.95 -4.70 -11.73
CA VAL B 79 34.22 -4.71 -10.99
C VAL B 79 34.10 -3.82 -9.76
N ARG B 80 33.47 -2.66 -9.92
CA ARG B 80 33.35 -1.68 -8.85
C ARG B 80 32.52 -2.19 -7.68
N LEU B 81 31.81 -3.32 -7.86
CA LEU B 81 31.18 -4.01 -6.74
C LEU B 81 31.99 -5.23 -6.28
N SER B 82 32.65 -5.91 -7.21
CA SER B 82 33.46 -7.08 -6.86
C SER B 82 34.88 -6.70 -6.48
N GLY B 83 35.40 -5.61 -7.02
CA GLY B 83 36.73 -5.15 -6.65
C GLY B 83 36.74 -4.60 -5.24
N SER B 84 37.89 -4.07 -4.86
CA SER B 84 38.08 -3.54 -3.51
C SER B 84 37.99 -2.03 -3.43
N HIS B 85 38.37 -1.32 -4.50
CA HIS B 85 38.42 0.14 -4.50
C HIS B 85 37.31 0.77 -5.32
N GLY B 86 36.19 0.06 -5.50
CA GLY B 86 35.14 0.53 -6.41
C GLY B 86 34.52 1.86 -5.99
N VAL B 87 34.32 2.06 -4.68
CA VAL B 87 33.75 3.31 -4.19
C VAL B 87 34.64 4.48 -4.58
N GLU B 88 35.96 4.31 -4.46
CA GLU B 88 36.87 5.38 -4.84
C GLU B 88 36.81 5.65 -6.34
N GLN B 89 36.71 4.58 -7.14
CA GLN B 89 36.60 4.76 -8.59
C GLN B 89 35.35 5.54 -8.95
N VAL B 90 34.21 5.15 -8.36
CA VAL B 90 32.94 5.81 -8.68
C VAL B 90 32.96 7.26 -8.19
N ALA B 91 33.55 7.50 -7.02
CA ALA B 91 33.66 8.86 -6.53
C ALA B 91 34.55 9.70 -7.43
N GLU B 92 35.53 9.07 -8.10
CA GLU B 92 36.33 9.78 -9.08
C GLU B 92 35.57 10.04 -10.36
N ILE B 93 34.68 9.11 -10.73
CA ILE B 93 33.82 9.32 -11.89
C ILE B 93 32.80 10.42 -11.60
N LEU B 94 32.21 10.40 -10.40
CA LEU B 94 31.25 11.42 -10.01
C LEU B 94 31.90 12.78 -9.76
N GLN B 95 33.22 12.87 -9.91
CA GLN B 95 33.97 14.10 -9.67
C GLN B 95 33.60 14.72 -8.34
N LEU B 96 33.52 13.89 -7.28
CA LEU B 96 33.17 14.41 -5.97
C LEU B 96 34.18 15.43 -5.46
N ASN B 97 35.39 15.44 -6.03
CA ASN B 97 36.36 16.48 -5.68
C ASN B 97 35.81 17.87 -5.92
N GLN B 98 34.97 18.03 -6.95
CA GLN B 98 34.38 19.32 -7.30
C GLN B 98 33.10 19.61 -6.54
N GLU B 99 32.76 18.81 -5.53
CA GLU B 99 31.56 19.00 -4.74
C GLU B 99 31.93 19.59 -3.38
N SER B 100 30.94 20.22 -2.75
CA SER B 100 31.18 20.81 -1.44
C SER B 100 31.51 19.72 -0.43
N PRO B 101 32.33 20.03 0.58
CA PRO B 101 32.73 19.02 1.58
C PRO B 101 31.56 18.20 2.13
N GLU B 102 30.47 18.87 2.51
CA GLU B 102 29.32 18.14 3.03
C GLU B 102 28.70 17.24 1.95
N ILE B 103 28.65 17.74 0.70
CA ILE B 103 28.19 16.90 -0.40
C ILE B 103 29.05 15.65 -0.49
N GLN B 104 30.37 15.82 -0.41
CA GLN B 104 31.28 14.68 -0.48
C GLN B 104 30.97 13.67 0.62
N ALA B 105 30.82 14.15 1.86
CA ALA B 105 30.57 13.23 2.96
C ALA B 105 29.27 12.45 2.74
N ARG B 106 28.19 13.16 2.39
CA ARG B 106 26.91 12.48 2.19
C ARG B 106 26.99 11.46 1.07
N VAL B 107 27.59 11.85 -0.06
CA VAL B 107 27.70 10.94 -1.20
C VAL B 107 28.50 9.70 -0.82
N LEU B 108 29.62 9.90 -0.12
CA LEU B 108 30.46 8.76 0.25
C LEU B 108 29.71 7.80 1.17
N VAL B 109 28.92 8.33 2.11
CA VAL B 109 28.10 7.47 2.95
C VAL B 109 27.19 6.61 2.07
N ILE B 110 26.52 7.24 1.10
CA ILE B 110 25.55 6.52 0.27
C ILE B 110 26.26 5.49 -0.63
N LEU B 111 27.39 5.89 -1.21
CA LEU B 111 28.16 5.00 -2.07
C LEU B 111 28.61 3.76 -1.31
N ASN B 112 29.12 3.96 -0.09
CA ASN B 112 29.50 2.82 0.73
C ASN B 112 28.29 1.97 1.07
N ASN B 113 27.13 2.61 1.32
CA ASN B 113 25.92 1.84 1.60
C ASN B 113 25.60 0.90 0.45
N TYR B 114 25.72 1.37 -0.79
CA TYR B 114 25.41 0.47 -1.90
C TYR B 114 26.51 -0.55 -2.14
N TYR B 115 27.76 -0.21 -1.85
CA TYR B 115 28.84 -1.20 -1.92
C TYR B 115 28.64 -2.31 -0.90
N GLN B 116 28.07 -1.99 0.27
CA GLN B 116 27.78 -3.01 1.26
C GLN B 116 26.58 -3.85 0.86
N GLN B 117 25.60 -3.24 0.20
CA GLN B 117 24.35 -3.92 -0.17
C GLN B 117 23.87 -3.42 -1.52
N PRO B 118 24.40 -3.98 -2.62
CA PRO B 118 23.86 -3.64 -3.93
C PRO B 118 22.53 -4.34 -4.15
N ILE B 119 21.43 -3.60 -4.07
CA ILE B 119 20.11 -4.21 -4.08
C ILE B 119 19.69 -4.67 -5.47
N LEU B 120 20.26 -4.09 -6.53
CA LEU B 120 19.89 -4.44 -7.88
C LEU B 120 20.77 -5.54 -8.49
N LEU B 121 21.85 -5.92 -7.80
CA LEU B 121 22.70 -7.01 -8.30
C LEU B 121 21.94 -8.32 -8.35
N ASN B 122 21.06 -8.57 -7.37
CA ASN B 122 20.24 -9.77 -7.35
C ASN B 122 19.21 -9.77 -8.48
N LYS B 123 18.89 -8.61 -9.03
CA LYS B 123 17.70 -8.44 -9.85
C LYS B 123 18.06 -8.33 -11.33
N GLU B 124 17.07 -8.62 -12.18
CA GLU B 124 17.21 -8.56 -13.63
C GLU B 124 16.81 -7.15 -14.09
N ILE B 125 17.78 -6.34 -14.47
CA ILE B 125 17.57 -4.92 -14.72
C ILE B 125 17.06 -4.74 -16.14
N ILE B 126 15.81 -4.25 -16.27
CA ILE B 126 15.34 -3.82 -17.58
C ILE B 126 15.97 -2.48 -17.95
N ASN B 127 16.12 -1.57 -16.98
CA ASN B 127 16.77 -0.29 -17.25
C ASN B 127 17.20 0.37 -15.94
N LEU B 128 18.38 1.00 -15.97
CA LEU B 128 18.84 1.85 -14.88
C LEU B 128 19.29 3.17 -15.45
N SER B 129 18.82 4.26 -14.86
CA SER B 129 19.11 5.61 -15.35
C SER B 129 20.32 6.20 -14.63
N ARG B 130 21.03 7.07 -15.35
CA ARG B 130 22.11 7.84 -14.73
C ARG B 130 21.62 9.14 -14.11
N GLY B 131 20.36 9.50 -14.32
CA GLY B 131 19.79 10.69 -13.71
C GLY B 131 19.98 11.98 -14.45
N ASP B 132 20.49 11.95 -15.67
CA ASP B 132 20.63 13.16 -16.47
C ASP B 132 19.75 13.14 -17.71
N GLU B 133 18.98 12.08 -17.94
CA GLU B 133 18.13 12.03 -19.13
C GLU B 133 16.90 12.92 -18.97
N GLY B 134 16.28 12.91 -17.80
CA GLY B 134 15.09 13.72 -17.58
C GLY B 134 13.83 13.04 -18.09
N TYR B 135 12.77 13.85 -18.20
CA TYR B 135 11.46 13.32 -18.58
C TYR B 135 11.49 12.72 -19.98
N PRO B 136 10.99 11.49 -20.17
CA PRO B 136 10.99 10.90 -21.51
C PRO B 136 9.80 11.35 -22.34
N GLU B 137 9.57 10.66 -23.46
CA GLU B 137 8.40 10.83 -24.31
C GLU B 137 7.13 10.93 -23.48
N PRO B 138 6.37 12.02 -23.57
CA PRO B 138 5.07 12.06 -22.90
C PRO B 138 4.17 10.98 -23.48
N ILE B 139 3.33 10.40 -22.63
CA ILE B 139 2.34 9.42 -23.06
C ILE B 139 0.97 10.06 -22.93
N VAL B 140 0.13 9.85 -23.95
CA VAL B 140 -1.19 10.48 -24.01
C VAL B 140 -2.15 9.65 -23.19
N ILE B 141 -2.75 10.27 -22.16
CA ILE B 141 -3.72 9.60 -21.31
C ILE B 141 -5.10 10.09 -21.68
N GLU B 142 -6.04 9.15 -21.87
CA GLU B 142 -7.39 9.45 -22.30
C GLU B 142 -8.34 9.10 -21.17
N GLN B 143 -8.97 10.11 -20.57
CA GLN B 143 -10.07 9.90 -19.64
C GLN B 143 -11.31 10.56 -20.24
N GLY B 144 -12.30 9.74 -20.59
CA GLY B 144 -13.49 10.25 -21.24
C GLY B 144 -13.17 10.87 -22.58
N ASN B 145 -13.24 12.20 -22.65
CA ASN B 145 -12.80 12.94 -23.83
C ASN B 145 -11.47 13.66 -23.61
N TYR B 146 -11.09 13.92 -22.37
CA TYR B 146 -9.87 14.65 -22.10
C TYR B 146 -8.65 13.79 -22.37
N LYS B 147 -7.63 14.41 -22.98
CA LYS B 147 -6.35 13.77 -23.21
C LYS B 147 -5.27 14.66 -22.64
N PHE B 148 -4.44 14.10 -21.76
CA PHE B 148 -3.35 14.87 -21.19
C PHE B 148 -2.02 14.14 -21.36
N ASN B 149 -0.96 14.93 -21.53
CA ASN B 149 0.38 14.41 -21.78
C ASN B 149 1.05 14.14 -20.43
N LEU B 150 1.13 12.87 -20.05
CA LEU B 150 1.77 12.48 -18.80
C LEU B 150 3.25 12.24 -19.04
N SER B 151 4.08 12.81 -18.17
CA SER B 151 5.53 12.64 -18.22
C SER B 151 5.99 12.02 -16.90
N ALA B 152 6.79 10.96 -17.00
CA ALA B 152 7.25 10.23 -15.83
C ALA B 152 8.58 9.55 -16.15
N ALA B 153 9.57 9.75 -15.29
CA ALA B 153 10.90 9.16 -15.45
C ALA B 153 11.14 8.14 -14.35
N PHE B 154 11.56 6.94 -14.73
CA PHE B 154 11.73 5.83 -13.81
C PHE B 154 13.20 5.74 -13.42
N ASP B 155 13.50 5.85 -12.13
CA ASP B 155 14.87 5.72 -11.67
C ASP B 155 15.43 4.33 -11.99
N CYS B 156 14.64 3.29 -11.73
CA CYS B 156 15.05 1.95 -12.13
C CYS B 156 13.83 1.12 -12.48
N ILE B 157 14.01 0.21 -13.44
CA ILE B 157 13.01 -0.78 -13.79
C ILE B 157 13.70 -2.14 -13.81
N PHE B 158 13.15 -3.10 -13.07
CA PHE B 158 13.66 -4.47 -13.14
C PHE B 158 12.48 -5.44 -13.21
N ARG B 159 12.79 -6.70 -13.49
CA ARG B 159 11.77 -7.74 -13.63
C ARG B 159 12.01 -8.82 -12.59
N GLU B 160 10.98 -9.15 -11.81
CA GLU B 160 11.09 -10.09 -10.71
C GLU B 160 11.17 -11.52 -11.24
N ALA B 161 11.18 -12.47 -10.30
CA ALA B 161 11.23 -13.89 -10.66
C ALA B 161 9.93 -14.34 -11.30
N ASP B 162 8.79 -13.81 -10.86
CA ASP B 162 7.50 -14.12 -11.45
C ASP B 162 7.17 -13.23 -12.65
N ASP B 163 8.18 -12.62 -13.27
CA ASP B 163 7.99 -11.75 -14.44
C ASP B 163 7.05 -10.59 -14.12
N THR B 164 7.17 -10.04 -12.92
CA THR B 164 6.41 -8.87 -12.51
C THR B 164 7.30 -7.64 -12.68
N ILE B 165 6.84 -6.69 -13.50
CA ILE B 165 7.61 -5.48 -13.73
C ILE B 165 7.59 -4.64 -12.45
N HIS B 166 8.79 -4.31 -11.95
CA HIS B 166 8.95 -3.58 -10.71
C HIS B 166 9.61 -2.24 -11.02
N ILE B 167 8.90 -1.15 -10.71
CA ILE B 167 9.43 0.20 -10.81
C ILE B 167 10.01 0.56 -9.45
N LEU B 168 11.27 0.99 -9.43
CA LEU B 168 11.97 1.33 -8.21
C LEU B 168 12.39 2.80 -8.30
N ASP B 169 11.81 3.63 -7.43
CA ASP B 169 12.24 5.00 -7.28
C ASP B 169 13.26 5.08 -6.16
N LEU B 170 14.44 5.60 -6.46
CA LEU B 170 15.53 5.67 -5.50
C LEU B 170 15.59 7.08 -4.91
N LYS B 171 15.59 7.16 -3.58
CA LYS B 171 15.53 8.42 -2.88
C LYS B 171 16.80 8.63 -2.06
N THR B 172 16.96 9.85 -1.54
CA THR B 172 18.05 10.21 -0.65
C THR B 172 17.51 11.09 0.46
N GLY B 173 18.35 11.34 1.45
CA GLY B 173 18.03 12.24 2.53
C GLY B 173 16.87 11.76 3.37
N GLN B 174 16.16 12.73 3.96
CA GLN B 174 14.98 12.48 4.77
C GLN B 174 13.71 12.40 3.93
N SER B 175 13.84 12.20 2.62
CA SER B 175 12.68 12.22 1.75
C SER B 175 11.67 11.15 2.15
N ASN B 176 10.42 11.58 2.27
CA ASN B 176 9.32 10.66 2.50
C ASN B 176 8.94 9.99 1.18
N PHE B 177 8.09 8.97 1.26
CA PHE B 177 7.64 8.23 0.08
C PHE B 177 6.18 8.59 -0.18
N ASP B 178 5.96 9.44 -1.17
CA ASP B 178 4.60 9.86 -1.56
C ASP B 178 4.03 8.81 -2.52
N ARG B 179 3.02 8.08 -2.06
CA ARG B 179 2.44 7.01 -2.87
C ARG B 179 1.80 7.52 -4.15
N ARG B 180 1.56 8.83 -4.27
CA ARG B 180 1.07 9.41 -5.51
C ARG B 180 2.11 9.33 -6.62
N GLN B 181 3.39 9.43 -6.26
CA GLN B 181 4.45 9.25 -7.26
C GLN B 181 4.44 7.82 -7.80
N ALA B 182 4.28 6.85 -6.90
CA ALA B 182 4.16 5.46 -7.33
C ALA B 182 2.90 5.25 -8.16
N HIS B 183 1.83 5.97 -7.84
CA HIS B 183 0.61 5.90 -8.66
C HIS B 183 0.87 6.41 -10.07
N VAL B 184 1.58 7.54 -10.20
CA VAL B 184 1.93 8.07 -11.51
C VAL B 184 2.75 7.05 -12.28
N TYR B 185 3.76 6.47 -11.63
CA TYR B 185 4.65 5.53 -12.31
C TYR B 185 3.91 4.27 -12.73
N LEU B 186 3.01 3.76 -11.88
CA LEU B 186 2.24 2.56 -12.24
C LEU B 186 1.31 2.83 -13.41
N LEU B 187 0.65 3.99 -13.41
CA LEU B 187 -0.20 4.33 -14.54
C LEU B 187 0.60 4.39 -15.82
N ALA B 188 1.75 5.08 -15.79
CA ALA B 188 2.59 5.19 -16.97
C ALA B 188 3.10 3.83 -17.42
N ALA B 189 3.49 2.98 -16.45
CA ALA B 189 3.99 1.65 -16.76
C ALA B 189 2.94 0.79 -17.43
N SER B 190 1.66 1.00 -17.10
CA SER B 190 0.61 0.24 -17.75
C SER B 190 0.59 0.42 -19.27
N TYR B 191 1.30 1.43 -19.80
CA TYR B 191 1.32 1.70 -21.23
C TYR B 191 2.60 1.20 -21.91
N ARG B 192 3.65 0.86 -21.16
CA ARG B 192 4.84 0.23 -21.75
C ARG B 192 4.86 -1.27 -21.56
N TYR B 193 4.19 -1.79 -20.52
CA TYR B 193 4.00 -3.22 -20.31
C TYR B 193 2.52 -3.49 -20.09
N PRO B 194 1.71 -3.37 -21.14
CA PRO B 194 0.25 -3.44 -20.98
C PRO B 194 -0.28 -4.83 -20.68
N GLN B 195 0.60 -5.83 -20.59
CA GLN B 195 0.18 -7.21 -20.37
C GLN B 195 0.73 -7.79 -19.06
N GLU B 196 1.61 -7.07 -18.37
CA GLU B 196 2.30 -7.58 -17.21
C GLU B 196 1.74 -6.98 -15.93
N LYS B 197 1.78 -7.76 -14.86
CA LYS B 197 1.49 -7.21 -13.54
C LYS B 197 2.66 -6.33 -13.12
N ILE B 198 2.35 -5.15 -12.62
CA ILE B 198 3.35 -4.11 -12.39
C ILE B 198 3.25 -3.64 -10.95
N VAL B 199 4.39 -3.49 -10.29
CA VAL B 199 4.46 -3.05 -8.90
C VAL B 199 5.48 -1.93 -8.80
N ALA B 200 5.39 -1.15 -7.72
CA ALA B 200 6.27 -0.02 -7.51
C ALA B 200 6.76 -0.01 -6.07
N SER B 201 7.91 0.63 -5.84
CA SER B 201 8.47 0.72 -4.50
C SER B 201 9.52 1.81 -4.48
N PHE B 202 9.85 2.24 -3.27
CA PHE B 202 10.89 3.22 -3.00
C PHE B 202 12.06 2.56 -2.29
N TYR B 203 13.21 3.21 -2.37
CA TYR B 203 14.40 2.79 -1.63
C TYR B 203 15.28 4.02 -1.44
N ASN B 204 15.48 4.44 -0.20
CA ASN B 204 16.34 5.57 0.11
C ASN B 204 17.76 5.06 0.26
N LEU B 205 18.64 5.50 -0.63
CA LEU B 205 20.00 4.96 -0.67
C LEU B 205 20.82 5.38 0.55
N GLU B 206 20.39 6.40 1.27
CA GLU B 206 21.12 6.88 2.45
C GLU B 206 20.70 6.11 3.70
N THR B 207 19.41 6.11 4.01
CA THR B 207 18.91 5.37 5.15
C THR B 207 18.82 3.87 4.89
N GLN B 208 18.99 3.44 3.64
CA GLN B 208 18.92 2.03 3.26
C GLN B 208 17.57 1.41 3.62
N THR B 209 16.50 2.21 3.58
CA THR B 209 15.16 1.75 3.88
C THR B 209 14.35 1.62 2.59
N SER B 210 13.56 0.56 2.51
CA SER B 210 12.68 0.29 1.38
C SER B 210 11.24 0.49 1.79
N SER B 211 10.41 0.89 0.82
CA SER B 211 8.98 1.00 1.04
C SER B 211 8.37 -0.40 0.93
N GLU B 212 7.05 -0.48 0.96
CA GLU B 212 6.35 -1.70 0.65
C GLU B 212 6.01 -1.73 -0.84
N LYS B 213 5.50 -2.86 -1.31
CA LYS B 213 5.16 -2.99 -2.72
C LYS B 213 3.80 -2.35 -2.97
N ILE B 214 3.75 -1.42 -3.91
CA ILE B 214 2.55 -0.65 -4.23
C ILE B 214 2.01 -1.12 -5.57
N SER B 215 0.72 -1.38 -5.64
CA SER B 215 0.08 -1.81 -6.87
C SER B 215 -1.33 -1.24 -6.93
N LEU B 216 -1.74 -0.85 -8.13
CA LEU B 216 -3.06 -0.27 -8.36
C LEU B 216 -3.98 -1.28 -9.04
N SER B 217 -5.28 -1.06 -8.87
CA SER B 217 -6.32 -1.86 -9.50
C SER B 217 -6.96 -1.05 -10.61
N SER B 218 -7.77 -1.74 -11.45
CA SER B 218 -8.49 -1.04 -12.50
C SER B 218 -9.27 0.13 -11.93
N GLU B 219 -9.94 -0.08 -10.80
CA GLU B 219 -10.64 1.02 -10.12
C GLU B 219 -9.66 2.12 -9.72
N ALA B 220 -8.56 1.75 -9.06
CA ALA B 220 -7.59 2.75 -8.62
C ALA B 220 -6.94 3.45 -9.80
N ILE B 221 -6.65 2.72 -10.87
CA ILE B 221 -6.04 3.33 -12.05
C ILE B 221 -6.98 4.37 -12.64
N GLU B 222 -8.26 4.03 -12.78
CA GLU B 222 -9.21 4.99 -13.31
C GLU B 222 -9.37 6.19 -12.39
N ALA B 223 -9.30 5.97 -11.08
CA ALA B 223 -9.40 7.09 -10.15
C ALA B 223 -8.21 8.04 -10.29
N VAL B 224 -7.00 7.49 -10.40
CA VAL B 224 -5.82 8.33 -10.57
C VAL B 224 -5.93 9.11 -11.88
N LYS B 225 -6.42 8.46 -12.94
CA LYS B 225 -6.60 9.15 -14.21
C LYS B 225 -7.57 10.32 -14.06
N ILE B 226 -8.67 10.10 -13.33
CA ILE B 226 -9.66 11.17 -13.14
C ILE B 226 -9.01 12.37 -12.45
N GLU B 227 -8.32 12.13 -11.33
CA GLU B 227 -7.76 13.26 -10.59
C GLU B 227 -6.70 13.98 -11.41
N LEU B 228 -5.87 13.23 -12.15
CA LEU B 228 -4.83 13.88 -12.94
C LEU B 228 -5.42 14.73 -14.06
N ALA B 229 -6.50 14.25 -14.70
CA ALA B 229 -7.19 15.07 -15.68
C ALA B 229 -7.73 16.35 -15.04
N SER B 230 -8.34 16.23 -13.86
CA SER B 230 -8.88 17.40 -13.18
C SER B 230 -7.80 18.44 -12.93
N LEU B 231 -6.65 18.00 -12.41
CA LEU B 231 -5.57 18.93 -12.07
C LEU B 231 -4.96 19.54 -13.32
N ALA B 232 -4.83 18.78 -14.40
CA ALA B 232 -4.32 19.38 -15.64
C ALA B 232 -5.26 20.47 -16.15
N LYS B 233 -6.58 20.21 -16.09
CA LYS B 233 -7.54 21.23 -16.49
C LYS B 233 -7.36 22.49 -15.65
N LYS B 234 -7.28 22.31 -14.32
CA LYS B 234 -7.18 23.46 -13.42
C LYS B 234 -5.88 24.23 -13.66
N HIS B 235 -4.77 23.52 -13.90
CA HIS B 235 -3.50 24.18 -14.14
C HIS B 235 -3.56 25.04 -15.40
N GLN B 236 -4.12 24.50 -16.48
CA GLN B 236 -4.24 25.29 -17.70
C GLN B 236 -5.21 26.46 -17.52
N GLN B 237 -6.28 26.25 -16.74
CA GLN B 237 -7.19 27.35 -16.43
C GLN B 237 -6.47 28.47 -15.72
N GLN B 238 -5.63 28.14 -14.74
CA GLN B 238 -4.93 29.17 -13.97
C GLN B 238 -3.88 29.88 -14.82
N LEU B 239 -3.18 29.14 -15.68
CA LEU B 239 -2.22 29.78 -16.58
C LEU B 239 -2.93 30.76 -17.52
N GLN B 240 -4.09 30.37 -18.05
CA GLN B 240 -4.84 31.28 -18.92
C GLN B 240 -5.37 32.48 -18.13
N LYS B 241 -5.75 32.27 -16.87
CA LYS B 241 -6.17 33.39 -16.04
C LYS B 241 -5.04 34.39 -15.86
N TYR B 242 -3.83 33.89 -15.63
CA TYR B 242 -2.68 34.78 -15.51
C TYR B 242 -2.41 35.52 -16.81
N LYS B 243 -2.58 34.85 -17.96
CA LYS B 243 -2.39 35.54 -19.22
C LYS B 243 -3.51 36.57 -19.47
N ASP B 244 -4.70 36.34 -18.91
CA ASP B 244 -5.79 37.29 -19.03
C ASP B 244 -5.71 38.41 -18.01
N HIS B 245 -5.02 38.18 -16.89
CA HIS B 245 -4.89 39.16 -15.83
C HIS B 245 -3.42 39.25 -15.44
N PRO B 246 -2.59 39.85 -16.30
CA PRO B 246 -1.13 39.75 -16.12
C PRO B 246 -0.59 40.38 -14.84
N LYS B 247 -1.33 41.28 -14.19
CA LYS B 247 -0.84 41.98 -13.01
C LYS B 247 -1.38 41.40 -11.70
N ASP B 248 -2.23 40.36 -11.77
CA ASP B 248 -2.86 39.78 -10.59
C ASP B 248 -2.23 38.45 -10.21
N PHE B 249 -0.90 38.37 -10.33
CA PHE B 249 -0.19 37.10 -10.17
C PHE B 249 -0.42 36.48 -8.80
N TYR B 250 -0.38 37.29 -7.74
CA TYR B 250 -0.53 36.76 -6.40
C TYR B 250 -1.97 36.40 -6.06
N HIS B 251 -2.93 36.78 -6.90
CA HIS B 251 -4.32 36.38 -6.72
C HIS B 251 -4.59 35.02 -7.36
N ILE B 252 -4.12 34.84 -8.59
CA ILE B 252 -4.28 33.57 -9.29
C ILE B 252 -3.51 32.46 -8.57
N PHE B 253 -2.33 32.78 -8.03
CA PHE B 253 -1.51 31.82 -7.29
C PHE B 253 -1.28 32.41 -5.90
N PRO B 254 -2.24 32.23 -4.98
CA PRO B 254 -2.20 32.93 -3.70
C PRO B 254 -1.07 32.42 -2.81
N PRO B 255 -0.47 33.29 -2.01
CA PRO B 255 0.68 32.91 -1.19
C PRO B 255 0.28 32.35 0.17
N GLN B 256 1.18 31.53 0.71
CA GLN B 256 1.08 31.01 2.07
C GLN B 256 2.50 30.96 2.64
N SER B 257 2.90 32.05 3.29
CA SER B 257 4.30 32.20 3.69
C SER B 257 4.58 31.46 5.00
N GLY B 258 5.84 31.11 5.20
CA GLY B 258 6.24 30.37 6.37
C GLY B 258 7.48 29.53 6.21
N TYR B 259 7.41 28.26 6.64
CA TYR B 259 8.61 27.43 6.65
C TYR B 259 9.03 27.01 5.26
N VAL B 260 8.09 26.79 4.34
CA VAL B 260 8.44 26.34 3.00
C VAL B 260 9.31 27.39 2.31
N CYS B 261 9.18 28.65 2.71
CA CYS B 261 10.03 29.73 2.18
C CYS B 261 11.51 29.45 2.38
N ARG B 262 11.87 28.53 3.29
CA ARG B 262 13.28 28.20 3.45
C ARG B 262 13.78 27.40 2.26
N TYR B 263 13.01 26.41 1.82
CA TYR B 263 13.39 25.63 0.66
C TYR B 263 12.86 26.23 -0.64
N CYS B 264 12.11 27.31 -0.55
CA CYS B 264 11.59 27.96 -1.74
C CYS B 264 12.71 28.76 -2.41
N PRO B 265 13.06 28.45 -3.66
CA PRO B 265 14.15 29.18 -4.31
C PRO B 265 13.78 30.58 -4.79
N PHE B 266 12.56 31.04 -4.54
CA PHE B 266 12.08 32.33 -5.05
C PHE B 266 11.88 33.35 -3.94
N THR B 267 12.51 33.14 -2.78
CA THR B 267 12.29 34.00 -1.63
C THR B 267 12.60 35.46 -1.95
N SER B 268 13.61 35.72 -2.78
CA SER B 268 14.01 37.09 -3.07
C SER B 268 13.00 37.78 -3.99
N ILE B 269 12.42 37.05 -4.94
CA ILE B 269 11.50 37.64 -5.91
C ILE B 269 10.04 37.56 -5.48
N CYS B 270 9.74 36.91 -4.37
CA CYS B 270 8.38 36.86 -3.84
C CYS B 270 8.15 38.04 -2.91
N ASP B 271 7.05 38.77 -3.14
CA ASP B 271 6.74 39.94 -2.32
C ASP B 271 6.13 39.58 -0.98
N TYR B 272 5.73 38.32 -0.77
CA TYR B 272 5.07 37.89 0.45
C TYR B 272 5.94 36.96 1.29
N ALA B 273 7.22 36.83 0.94
CA ALA B 273 8.08 35.80 1.54
C ALA B 273 8.27 36.04 3.03
N ASN B 274 8.50 34.94 3.76
CA ASN B 274 8.80 35.01 5.18
C ASN B 274 10.15 35.68 5.36
N LYS B 275 10.14 36.92 5.83
CA LYS B 275 11.36 37.68 6.05
C LYS B 275 11.82 37.67 7.50
N GLU B 276 10.98 37.18 8.41
CA GLU B 276 11.37 37.02 9.80
C GLU B 276 12.56 36.07 9.95
FE1 SF4 C . -15.01 6.98 16.12
FE2 SF4 C . -16.30 4.60 16.45
FE3 SF4 C . -14.63 5.54 18.41
FE4 SF4 C . -13.59 4.65 16.04
S1 SF4 C . -14.72 3.39 17.59
S2 SF4 C . -13.01 6.56 17.16
S3 SF4 C . -15.21 5.31 14.57
S4 SF4 C . -16.57 6.49 17.70
MG MG D . -5.44 -16.92 10.44
C1 EDO E . -0.15 -29.77 -0.07
O1 EDO E . -1.41 -29.19 -0.46
C2 EDO E . 0.49 -28.89 0.99
O2 EDO E . 1.88 -29.21 1.10
C1 EDO F . -3.94 2.54 23.63
O1 EDO F . -3.37 3.76 23.15
C2 EDO F . -4.18 1.56 22.48
O2 EDO F . -2.92 0.97 22.11
C1 EDO G . -16.41 -8.78 1.40
O1 EDO G . -17.67 -8.16 1.66
C2 EDO G . -16.27 -9.03 -0.09
O2 EDO G . -15.37 -8.09 -0.68
FE1 SF4 H . 7.24 31.60 0.53
FE2 SF4 H . 6.88 33.32 -1.57
FE3 SF4 H . 8.22 30.97 -1.94
FE4 SF4 H . 5.54 30.95 -1.49
S1 SF4 H . 6.60 31.84 -3.30
S2 SF4 H . 7.09 29.58 -0.52
S3 SF4 H . 5.30 32.69 -0.04
S4 SF4 H . 8.87 32.71 -0.63
C1 EDO I . 24.69 -2.95 -18.03
O1 EDO I . 25.66 -2.09 -17.44
C2 EDO I . 23.47 -3.04 -17.11
O2 EDO I . 22.77 -1.78 -17.11
MG MG J . 14.24 9.79 -7.29
C1 EDO K . 6.00 13.20 0.84
O1 EDO K . 4.83 12.78 1.56
C2 EDO K . 5.69 14.40 -0.03
O2 EDO K . 5.70 15.59 0.76
C1 EDO L . 14.52 -3.34 -3.70
O1 EDO L . 14.40 -3.14 -2.29
C2 EDO L . 13.23 -3.96 -4.23
O2 EDO L . 13.13 -5.33 -3.80
#